data_5NAW
#
_entry.id   5NAW
#
_cell.length_a   55.862
_cell.length_b   49.444
_cell.length_c   39.238
_cell.angle_alpha   90.00
_cell.angle_beta   106.51
_cell.angle_gamma   90.00
#
_symmetry.space_group_name_H-M   'P 1 21 1'
#
loop_
_entity.id
_entity.type
_entity.pdbx_description
1 polymer 'Complement factor D'
2 non-polymer (1~{R},3~{S},5~{R})-~{N}2-(1-aminocarbonylindol-3-yl)-~{N}3-[3-(trifluoromethyloxy)phenyl]-2-azabicyclo[3.1.0]hexane-2,3-dicarboxamide
3 water water
#
_entity_poly.entity_id   1
_entity_poly.type   'polypeptide(L)'
_entity_poly.pdbx_seq_one_letter_code
;ILGGREAEAHARPYMASVQLNGAHLCGGVLVAEQWVLSAAHCLEDAADGKVQVLLGAHSLSQPEPSKRLYDVLRAVPHPD
SQPDTIDHDLLLLQLSEKATLGPAVRPLPWQRVDRDVAPGTLCDVAGWGIVNHAGRRPDSLQHVLLPVLDRATCNRRTHH
DGAITERLMCAESNRRDSCKGDSGGPLVCGGVLEGVVTSGSRVCGNRKKPGIYTRVASYAAWIDSVLASAAA
;
_entity_poly.pdbx_strand_id   A
#
# COMPACT_ATOMS: atom_id res chain seq x y z
N ILE A 1 2.21 2.04 10.47
CA ILE A 1 1.50 0.86 11.04
C ILE A 1 1.42 1.03 12.54
N LEU A 2 0.18 0.97 13.07
CA LEU A 2 -0.07 0.96 14.52
C LEU A 2 -0.03 -0.49 14.94
N GLY A 3 0.43 -0.66 16.17
CA GLY A 3 0.51 -1.89 16.81
C GLY A 3 1.29 -2.99 16.16
N GLY A 4 2.28 -2.65 15.34
CA GLY A 4 3.08 -3.73 14.70
C GLY A 4 4.43 -4.01 15.22
N ARG A 5 5.33 -4.60 14.44
CA ARG A 5 6.70 -4.90 14.89
C ARG A 5 7.61 -4.61 13.72
N GLU A 6 8.88 -4.47 13.97
CA GLU A 6 9.91 -4.24 12.96
C GLU A 6 9.91 -5.48 12.09
N ALA A 7 9.81 -5.27 10.72
CA ALA A 7 9.86 -6.37 9.76
C ALA A 7 11.29 -6.93 9.66
N GLU A 8 11.41 -8.22 9.26
CA GLU A 8 12.66 -8.79 8.97
C GLU A 8 13.22 -8.06 7.75
N ALA A 9 14.47 -7.62 7.81
CA ALA A 9 15.05 -6.84 6.75
C ALA A 9 15.08 -7.59 5.45
N HIS A 10 14.51 -6.95 4.39
CA HIS A 10 14.50 -7.52 3.01
C HIS A 10 13.68 -8.74 2.77
N ALA A 11 12.87 -9.12 3.74
CA ALA A 11 11.99 -10.29 3.60
C ALA A 11 10.77 -10.04 2.76
N ARG A 12 10.57 -8.78 2.42
CA ARG A 12 9.43 -8.38 1.51
C ARG A 12 10.10 -7.59 0.37
N PRO A 13 10.65 -8.33 -0.65
CA PRO A 13 11.51 -7.69 -1.62
C PRO A 13 10.70 -6.83 -2.66
N TYR A 14 9.37 -6.97 -2.60
CA TYR A 14 8.45 -6.16 -3.38
C TYR A 14 8.18 -4.80 -2.78
N MET A 15 8.57 -4.59 -1.52
CA MET A 15 8.10 -3.39 -0.80
C MET A 15 8.83 -2.14 -1.31
N ALA A 16 8.07 -1.08 -1.58
CA ALA A 16 8.63 0.16 -2.08
C ALA A 16 8.25 1.33 -1.15
N SER A 17 9.14 2.31 -1.07
CA SER A 17 8.81 3.59 -0.48
C SER A 17 8.67 4.61 -1.62
N VAL A 18 7.49 5.18 -1.74
CA VAL A 18 7.24 6.24 -2.70
C VAL A 18 7.50 7.57 -2.00
N GLN A 19 8.40 8.34 -2.63
CA GLN A 19 8.98 9.52 -1.96
C GLN A 19 8.76 10.77 -2.80
N LEU A 20 8.68 11.88 -2.04
CA LEU A 20 8.56 13.18 -2.66
C LEU A 20 9.71 13.98 -2.09
N ASN A 21 10.58 14.49 -2.91
CA ASN A 21 11.76 15.24 -2.52
C ASN A 21 12.53 14.48 -1.42
N GLY A 22 12.72 13.12 -1.61
CA GLY A 22 13.56 12.29 -0.77
C GLY A 22 12.92 11.93 0.58
N ALA A 23 11.67 12.31 0.83
CA ALA A 23 10.91 11.98 2.04
C ALA A 23 9.87 10.94 1.76
N HIS A 24 9.74 9.95 2.64
CA HIS A 24 8.68 8.94 2.50
C HIS A 24 7.31 9.58 2.52
N LEU A 25 6.50 9.19 1.53
CA LEU A 25 5.17 9.66 1.43
C LEU A 25 4.13 8.48 1.49
N CYS A 26 4.41 7.43 0.74
CA CYS A 26 3.44 6.33 0.61
C CYS A 26 4.23 5.03 0.50
N GLY A 27 3.56 3.95 0.86
CA GLY A 27 4.04 2.68 0.43
C GLY A 27 3.74 2.44 -1.04
N GLY A 28 4.33 1.35 -1.57
CA GLY A 28 4.05 0.86 -2.90
C GLY A 28 4.53 -0.55 -3.04
N VAL A 29 4.22 -1.18 -4.17
CA VAL A 29 4.53 -2.56 -4.38
C VAL A 29 5.09 -2.71 -5.76
N LEU A 30 6.23 -3.34 -5.90
CA LEU A 30 6.81 -3.68 -7.21
C LEU A 30 6.02 -4.82 -7.81
N VAL A 31 5.32 -4.52 -8.95
CA VAL A 31 4.42 -5.51 -9.60
C VAL A 31 4.94 -5.96 -10.95
N ALA A 32 5.97 -5.30 -11.47
CA ALA A 32 6.59 -5.69 -12.73
C ALA A 32 8.00 -5.16 -12.67
N GLU A 33 8.82 -5.46 -13.64
CA GLU A 33 10.18 -5.04 -13.55
C GLU A 33 10.39 -3.52 -13.51
N GLN A 34 9.48 -2.80 -14.20
CA GLN A 34 9.61 -1.34 -14.29
C GLN A 34 8.44 -0.57 -13.69
N TRP A 35 7.60 -1.24 -12.91
CA TRP A 35 6.33 -0.62 -12.45
C TRP A 35 6.07 -0.91 -10.98
N VAL A 36 5.71 0.18 -10.28
CA VAL A 36 5.31 0.10 -8.89
C VAL A 36 3.84 0.59 -8.75
N LEU A 37 3.05 -0.21 -8.04
CA LEU A 37 1.67 0.12 -7.75
C LEU A 37 1.56 0.78 -6.40
N SER A 38 0.75 1.80 -6.30
CA SER A 38 0.52 2.58 -5.08
C SER A 38 -0.89 3.12 -5.09
N ALA A 39 -1.17 4.17 -4.35
CA ALA A 39 -2.50 4.75 -4.20
C ALA A 39 -2.60 6.07 -4.93
N ALA A 40 -3.76 6.29 -5.56
CA ALA A 40 -3.99 7.42 -6.43
C ALA A 40 -3.63 8.75 -5.82
N HIS A 41 -4.03 8.96 -4.64
CA HIS A 41 -3.92 10.31 -4.08
C HIS A 41 -2.55 10.56 -3.43
N CYS A 42 -1.65 9.59 -3.47
CA CYS A 42 -0.29 9.80 -2.97
C CYS A 42 0.33 11.03 -3.57
N LEU A 43 0.04 11.30 -4.86
CA LEU A 43 0.71 12.49 -5.49
C LEU A 43 -0.12 13.76 -5.58
N GLU A 44 -1.20 13.78 -4.84
CA GLU A 44 -2.08 14.94 -4.77
C GLU A 44 -1.37 16.27 -4.57
N ASP A 45 -0.43 16.27 -3.70
CA ASP A 45 0.26 17.52 -3.41
C ASP A 45 1.70 17.58 -3.98
N ALA A 46 1.97 16.88 -5.08
CA ALA A 46 3.31 16.67 -5.54
C ALA A 46 3.81 17.60 -6.65
N ALA A 47 2.98 18.16 -7.52
CA ALA A 47 3.48 18.58 -8.90
C ALA A 47 4.77 19.45 -8.93
N ASP A 48 4.96 20.12 -7.81
CA ASP A 48 6.17 20.91 -7.59
C ASP A 48 7.35 20.21 -7.05
N GLY A 49 7.42 18.86 -7.20
CA GLY A 49 8.48 18.10 -6.55
C GLY A 49 8.83 16.80 -7.20
N LYS A 50 9.93 16.26 -6.78
CA LYS A 50 10.51 15.10 -7.40
C LYS A 50 9.98 13.80 -6.74
N VAL A 51 9.34 12.98 -7.54
CA VAL A 51 8.75 11.70 -7.16
C VAL A 51 9.78 10.62 -7.46
N GLN A 52 10.15 9.83 -6.44
CA GLN A 52 11.05 8.76 -6.58
C GLN A 52 10.55 7.52 -5.89
N VAL A 53 11.13 6.36 -6.21
CA VAL A 53 10.74 5.09 -5.55
C VAL A 53 11.96 4.45 -5.00
N LEU A 54 12.00 4.16 -3.73
CA LEU A 54 13.09 3.48 -3.09
C LEU A 54 12.77 1.98 -3.01
N LEU A 55 13.61 1.17 -3.66
CA LEU A 55 13.49 -0.27 -3.63
C LEU A 55 14.65 -0.88 -2.85
N GLY A 56 14.41 -2.12 -2.40
CA GLY A 56 15.48 -2.84 -1.74
C GLY A 56 15.81 -2.37 -0.34
N ALA A 57 14.91 -1.60 0.28
CA ALA A 57 15.22 -0.96 1.55
C ALA A 57 14.61 -1.67 2.73
N HIS A 58 15.32 -1.45 3.85
CA HIS A 58 14.77 -1.70 5.17
C HIS A 58 14.74 -0.39 5.96
N SER A 59 15.90 0.20 6.15
CA SER A 59 16.01 1.53 6.71
C SER A 59 15.83 2.58 5.63
N LEU A 60 15.09 3.64 5.97
CA LEU A 60 14.97 4.78 5.07
C LEU A 60 16.26 5.54 4.99
N SER A 61 17.10 5.54 6.03
CA SER A 61 18.28 6.50 6.09
C SER A 61 19.62 5.83 5.93
N GLN A 62 19.74 4.56 6.29
CA GLN A 62 21.06 3.92 6.32
C GLN A 62 21.46 3.26 5.00
N PRO A 63 22.75 3.17 4.70
CA PRO A 63 23.12 2.49 3.49
C PRO A 63 22.97 1.00 3.55
N GLU A 64 22.43 0.37 2.53
CA GLU A 64 22.23 -1.06 2.43
C GLU A 64 22.60 -1.46 1.02
N PRO A 65 23.20 -2.63 0.81
CA PRO A 65 23.63 -2.86 -0.55
C PRO A 65 22.58 -2.93 -1.59
N SER A 66 21.41 -3.40 -1.20
CA SER A 66 20.29 -3.57 -2.17
C SER A 66 19.47 -2.28 -2.33
N LYS A 67 19.70 -1.25 -1.53
CA LYS A 67 18.87 -0.04 -1.62
C LYS A 67 19.18 0.73 -2.88
N ARG A 68 18.15 1.10 -3.60
CA ARG A 68 18.34 2.02 -4.79
C ARG A 68 17.12 2.84 -4.89
N LEU A 69 17.37 4.13 -5.11
CA LEU A 69 16.35 5.14 -5.36
C LEU A 69 16.18 5.39 -6.78
N TYR A 70 15.05 5.02 -7.37
CA TYR A 70 14.73 5.14 -8.78
C TYR A 70 13.96 6.42 -9.06
N ASP A 71 14.30 7.05 -10.17
CA ASP A 71 13.50 8.09 -10.69
C ASP A 71 12.25 7.49 -11.37
N VAL A 72 11.28 8.39 -11.61
CA VAL A 72 9.99 8.00 -12.23
C VAL A 72 9.84 8.70 -13.56
N LEU A 73 9.61 7.88 -14.55
CA LEU A 73 9.37 8.40 -15.96
C LEU A 73 7.98 8.94 -16.10
N ARG A 74 7.00 8.29 -15.51
CA ARG A 74 5.59 8.58 -15.65
C ARG A 74 4.84 8.12 -14.48
N ALA A 75 3.88 8.93 -13.98
CA ALA A 75 2.89 8.56 -12.96
C ALA A 75 1.51 8.50 -13.56
N VAL A 76 0.85 7.40 -13.30
CA VAL A 76 -0.47 7.11 -13.90
C VAL A 76 -1.50 6.85 -12.84
N PRO A 77 -2.17 7.90 -12.34
CA PRO A 77 -3.27 7.66 -11.42
C PRO A 77 -4.43 7.00 -12.15
N HIS A 78 -5.28 6.25 -11.49
CA HIS A 78 -6.46 5.71 -12.14
C HIS A 78 -7.32 6.81 -12.68
N PRO A 79 -7.75 6.76 -13.95
CA PRO A 79 -8.47 7.87 -14.57
C PRO A 79 -9.81 8.14 -13.97
N ASP A 80 -10.39 7.21 -13.23
CA ASP A 80 -11.65 7.43 -12.55
C ASP A 80 -11.55 7.94 -11.15
N SER A 81 -10.32 8.00 -10.60
CA SER A 81 -10.12 8.46 -9.22
C SER A 81 -10.47 9.93 -9.15
N GLN A 82 -10.86 10.37 -7.96
CA GLN A 82 -11.20 11.78 -7.77
C GLN A 82 -10.76 12.10 -6.37
N PRO A 83 -10.20 13.32 -6.15
CA PRO A 83 -9.96 13.67 -4.77
C PRO A 83 -11.23 13.61 -3.86
N ASP A 84 -11.05 13.33 -2.60
CA ASP A 84 -12.29 13.23 -1.79
C ASP A 84 -13.31 12.06 -2.08
N THR A 85 -12.91 11.04 -2.89
CA THR A 85 -13.61 9.72 -2.91
C THR A 85 -12.63 8.59 -2.59
N ILE A 86 -13.12 7.38 -2.25
CA ILE A 86 -12.21 6.26 -1.95
C ILE A 86 -12.11 5.32 -3.15
N ASP A 87 -12.85 5.67 -4.21
CA ASP A 87 -12.90 4.74 -5.30
C ASP A 87 -11.74 4.83 -6.28
N HIS A 88 -11.43 3.67 -6.85
CA HIS A 88 -10.46 3.68 -7.91
C HIS A 88 -9.08 4.20 -7.45
N ASP A 89 -8.70 3.88 -6.20
CA ASP A 89 -7.61 4.50 -5.53
C ASP A 89 -6.29 3.81 -5.80
N LEU A 90 -5.85 3.85 -7.06
CA LEU A 90 -4.66 3.20 -7.57
C LEU A 90 -3.84 4.13 -8.35
N LEU A 91 -2.52 3.89 -8.32
CA LEU A 91 -1.52 4.70 -8.99
C LEU A 91 -0.47 3.76 -9.54
N LEU A 92 -0.03 3.88 -10.80
CA LEU A 92 1.07 3.14 -11.33
C LEU A 92 2.20 4.06 -11.65
N LEU A 93 3.43 3.70 -11.17
CA LEU A 93 4.64 4.53 -11.41
C LEU A 93 5.55 3.72 -12.24
N GLN A 94 5.92 4.31 -13.39
CA GLN A 94 6.91 3.66 -14.28
C GLN A 94 8.29 4.22 -13.89
N LEU A 95 9.15 3.28 -13.49
CA LEU A 95 10.49 3.66 -13.10
C LEU A 95 11.31 4.09 -14.32
N SER A 96 12.37 4.83 -14.13
CA SER A 96 13.18 5.32 -15.28
CA SER A 96 13.16 5.30 -15.30
C SER A 96 13.92 4.23 -15.99
N GLU A 97 14.13 3.08 -15.35
CA GLU A 97 14.66 1.87 -15.96
C GLU A 97 14.14 0.68 -15.20
N LYS A 98 14.28 -0.51 -15.79
CA LYS A 98 13.93 -1.69 -15.08
C LYS A 98 14.72 -1.81 -13.78
N ALA A 99 14.01 -2.28 -12.76
CA ALA A 99 14.69 -2.46 -11.46
C ALA A 99 15.69 -3.59 -11.55
N THR A 100 16.83 -3.42 -10.92
CA THR A 100 17.77 -4.53 -10.79
C THR A 100 17.24 -5.51 -9.77
N LEU A 101 17.01 -6.78 -10.18
CA LEU A 101 16.36 -7.76 -9.35
C LEU A 101 17.40 -8.55 -8.56
N GLY A 102 16.95 -9.11 -7.49
CA GLY A 102 17.81 -10.00 -6.67
C GLY A 102 17.02 -10.48 -5.51
N PRO A 103 17.70 -11.07 -4.45
CA PRO A 103 16.99 -11.53 -3.30
C PRO A 103 16.20 -10.44 -2.49
N ALA A 104 16.64 -9.21 -2.61
CA ALA A 104 16.03 -8.11 -1.87
C ALA A 104 15.10 -7.20 -2.76
N VAL A 105 15.02 -7.46 -4.05
CA VAL A 105 14.18 -6.69 -4.98
C VAL A 105 13.53 -7.64 -5.95
N ARG A 106 12.24 -7.87 -5.83
CA ARG A 106 11.54 -8.77 -6.67
C ARG A 106 10.11 -8.38 -6.77
N PRO A 107 9.44 -8.46 -7.96
CA PRO A 107 8.02 -8.19 -8.04
C PRO A 107 7.20 -9.21 -7.29
N LEU A 108 6.06 -8.76 -6.75
CA LEU A 108 5.08 -9.65 -6.09
C LEU A 108 4.06 -10.09 -7.09
N PRO A 109 3.74 -11.36 -7.17
CA PRO A 109 2.58 -11.77 -7.99
C PRO A 109 1.33 -11.17 -7.39
N TRP A 110 0.40 -10.79 -8.27
CA TRP A 110 -0.78 -10.15 -7.83
C TRP A 110 -2.06 -10.81 -8.34
N GLN A 111 -3.12 -10.70 -7.52
CA GLN A 111 -4.33 -11.48 -7.69
C GLN A 111 -5.10 -10.99 -8.91
N ARG A 112 -5.40 -11.90 -9.78
CA ARG A 112 -6.27 -11.67 -10.89
C ARG A 112 -7.68 -12.36 -10.78
N VAL A 113 -7.88 -13.26 -9.85
CA VAL A 113 -9.14 -13.92 -9.71
C VAL A 113 -9.99 -13.05 -8.83
N ASP A 114 -11.06 -12.55 -9.46
CA ASP A 114 -11.94 -11.61 -8.76
C ASP A 114 -13.02 -12.20 -7.91
N ARG A 115 -12.61 -12.78 -6.79
CA ARG A 115 -13.49 -13.38 -5.81
C ARG A 115 -12.92 -12.97 -4.45
N ASP A 116 -13.76 -12.95 -3.42
CA ASP A 116 -13.29 -12.52 -2.10
C ASP A 116 -12.50 -13.66 -1.45
N VAL A 117 -11.57 -13.25 -0.54
CA VAL A 117 -10.96 -14.20 0.41
C VAL A 117 -11.89 -14.70 1.49
N ALA A 118 -11.57 -15.77 2.16
CA ALA A 118 -12.31 -16.21 3.27
C ALA A 118 -12.21 -15.11 4.35
N PRO A 119 -13.31 -14.93 5.10
CA PRO A 119 -13.25 -14.06 6.28
C PRO A 119 -12.23 -14.56 7.19
N GLY A 120 -11.53 -13.70 7.82
CA GLY A 120 -10.53 -14.13 8.75
C GLY A 120 -9.21 -14.43 8.18
N THR A 121 -9.12 -14.54 6.84
CA THR A 121 -7.82 -14.80 6.18
C THR A 121 -6.74 -13.79 6.78
N LEU A 122 -5.62 -14.34 7.17
CA LEU A 122 -4.60 -13.56 7.72
C LEU A 122 -3.67 -13.00 6.67
N CYS A 123 -3.68 -11.65 6.56
CA CYS A 123 -2.91 -10.98 5.53
C CYS A 123 -1.86 -10.07 6.17
N ASP A 124 -0.79 -9.76 5.49
CA ASP A 124 0.31 -9.01 5.94
C ASP A 124 0.23 -7.63 5.32
N VAL A 125 0.35 -6.57 6.13
CA VAL A 125 0.55 -5.24 5.58
CA VAL A 125 0.45 -5.17 5.67
C VAL A 125 1.79 -4.63 6.22
N ALA A 126 2.60 -4.01 5.37
CA ALA A 126 3.89 -3.42 5.79
C ALA A 126 3.94 -2.00 5.38
N GLY A 127 4.74 -1.17 6.12
CA GLY A 127 4.87 0.21 5.75
C GLY A 127 5.76 0.96 6.71
N TRP A 128 6.12 2.16 6.24
CA TRP A 128 6.87 3.12 7.00
C TRP A 128 6.03 4.26 7.54
N GLY A 129 4.69 4.01 7.62
CA GLY A 129 3.81 4.98 8.16
C GLY A 129 3.89 5.14 9.69
N ILE A 130 3.12 6.13 10.19
CA ILE A 130 3.23 6.45 11.62
C ILE A 130 2.94 5.24 12.49
N VAL A 131 3.61 5.26 13.66
CA VAL A 131 3.45 4.12 14.55
C VAL A 131 2.79 4.48 15.91
N ASN A 132 2.29 5.68 16.12
CA ASN A 132 1.59 5.94 17.38
C ASN A 132 0.79 7.23 17.20
N HIS A 133 -0.06 7.56 18.17
CA HIS A 133 -0.96 8.73 18.09
C HIS A 133 -0.24 10.06 18.02
N ALA A 134 0.99 10.09 18.59
CA ALA A 134 1.82 11.32 18.47
C ALA A 134 2.44 11.60 17.13
N GLY A 135 2.29 10.55 16.23
CA GLY A 135 2.82 10.58 14.85
C GLY A 135 4.26 10.18 14.65
N ARG A 136 4.86 9.46 15.57
CA ARG A 136 6.24 8.99 15.44
C ARG A 136 6.44 8.22 14.09
N ARG A 137 7.55 8.56 13.40
CA ARG A 137 7.86 8.00 12.07
C ARG A 137 8.99 6.98 12.20
N PRO A 138 8.83 5.72 11.80
CA PRO A 138 9.88 4.72 11.93
C PRO A 138 10.95 4.87 10.87
N ASP A 139 12.20 4.66 11.23
CA ASP A 139 13.23 4.55 10.21
C ASP A 139 13.11 3.31 9.44
N SER A 140 12.64 2.22 10.05
CA SER A 140 12.69 0.95 9.34
CA SER A 140 12.77 0.86 9.49
C SER A 140 11.33 0.36 9.17
N LEU A 141 11.20 -0.56 8.22
CA LEU A 141 9.90 -1.08 7.81
C LEU A 141 9.26 -1.86 8.95
N GLN A 142 7.98 -1.57 9.15
CA GLN A 142 7.15 -2.21 10.17
C GLN A 142 6.10 -3.09 9.42
N HIS A 143 5.50 -3.98 10.15
CA HIS A 143 4.39 -4.76 9.59
C HIS A 143 3.41 -5.26 10.65
N VAL A 144 2.26 -5.68 10.20
CA VAL A 144 1.24 -6.28 11.07
C VAL A 144 0.54 -7.35 10.21
N LEU A 145 0.09 -8.40 10.89
CA LEU A 145 -0.78 -9.42 10.31
C LEU A 145 -2.18 -9.15 10.76
N LEU A 146 -3.07 -9.03 9.80
CA LEU A 146 -4.47 -8.58 10.01
C LEU A 146 -5.45 -9.53 9.40
N PRO A 147 -6.47 -9.95 10.14
CA PRO A 147 -7.54 -10.75 9.50
C PRO A 147 -8.44 -9.91 8.64
N VAL A 148 -8.80 -10.54 7.49
CA VAL A 148 -9.81 -9.88 6.65
C VAL A 148 -11.13 -9.83 7.34
N LEU A 149 -11.84 -8.75 7.19
CA LEU A 149 -13.13 -8.49 7.82
CA LEU A 149 -13.10 -8.53 7.85
C LEU A 149 -14.13 -8.56 6.74
N ASP A 150 -15.17 -9.36 6.86
CA ASP A 150 -16.18 -9.54 5.85
C ASP A 150 -16.88 -8.16 5.48
N ARG A 151 -17.19 -7.99 4.23
CA ARG A 151 -17.70 -6.71 3.72
C ARG A 151 -19.01 -6.32 4.33
N ALA A 152 -19.88 -7.32 4.61
CA ALA A 152 -21.15 -6.97 5.26
C ALA A 152 -21.00 -6.29 6.59
N THR A 153 -20.05 -6.80 7.41
CA THR A 153 -19.76 -6.17 8.69
C THR A 153 -19.16 -4.84 8.39
N CYS A 154 -18.27 -4.74 7.40
CA CYS A 154 -17.54 -3.49 7.16
C CYS A 154 -18.49 -2.35 6.69
N ASN A 155 -19.57 -2.73 6.11
CA ASN A 155 -20.62 -1.82 5.59
C ASN A 155 -21.72 -1.40 6.51
N ARG A 156 -21.76 -1.98 7.67
CA ARG A 156 -22.79 -1.61 8.60
C ARG A 156 -22.66 -0.10 8.95
N ARG A 157 -23.81 0.52 9.30
CA ARG A 157 -23.88 1.96 9.60
C ARG A 157 -22.80 2.44 10.64
N THR A 158 -22.57 1.63 11.63
CA THR A 158 -21.57 1.89 12.66
C THR A 158 -20.13 1.81 12.15
N HIS A 159 -19.89 1.10 11.03
CA HIS A 159 -18.56 0.94 10.53
C HIS A 159 -18.38 1.90 9.35
N HIS A 160 -18.36 1.46 8.13
CA HIS A 160 -18.17 2.34 6.94
C HIS A 160 -19.46 2.65 6.17
N ASP A 161 -20.59 2.14 6.69
CA ASP A 161 -21.90 2.63 6.29
C ASP A 161 -22.17 2.68 4.77
N GLY A 162 -22.02 1.49 4.14
CA GLY A 162 -22.33 1.36 2.75
C GLY A 162 -21.24 1.76 1.78
N ALA A 163 -20.10 2.29 2.22
CA ALA A 163 -19.02 2.76 1.33
C ALA A 163 -18.14 1.73 0.78
N ILE A 164 -18.24 0.48 1.26
CA ILE A 164 -17.33 -0.56 0.82
C ILE A 164 -17.99 -1.25 -0.36
N THR A 165 -17.53 -0.89 -1.59
CA THR A 165 -18.05 -1.49 -2.80
C THR A 165 -17.42 -2.90 -2.99
N GLU A 166 -17.80 -3.62 -4.05
CA GLU A 166 -17.18 -4.88 -4.36
C GLU A 166 -15.71 -4.74 -4.77
N ARG A 167 -15.31 -3.54 -5.11
CA ARG A 167 -13.92 -3.24 -5.51
C ARG A 167 -12.90 -2.95 -4.35
N LEU A 168 -13.48 -2.94 -3.13
CA LEU A 168 -12.76 -2.70 -1.88
C LEU A 168 -12.91 -3.89 -0.97
N MET A 169 -11.96 -3.97 -0.05
CA MET A 169 -12.04 -4.96 1.03
C MET A 169 -11.61 -4.32 2.33
N CYS A 170 -11.97 -4.98 3.41
CA CYS A 170 -11.59 -4.52 4.73
C CYS A 170 -10.75 -5.55 5.49
N ALA A 171 -9.95 -5.02 6.45
CA ALA A 171 -9.28 -5.88 7.43
C ALA A 171 -9.56 -5.26 8.77
N GLU A 172 -9.53 -6.15 9.80
CA GLU A 172 -9.74 -5.64 11.17
C GLU A 172 -8.67 -4.58 11.52
N SER A 173 -9.07 -3.75 12.48
CA SER A 173 -8.35 -2.56 12.85
C SER A 173 -8.32 -2.45 14.35
N ASN A 174 -8.22 -3.54 15.09
CA ASN A 174 -8.37 -3.38 16.51
C ASN A 174 -6.98 -3.18 17.02
N ARG A 175 -6.59 -1.96 17.24
CA ARG A 175 -5.21 -1.59 17.63
C ARG A 175 -4.15 -1.79 16.57
N ARG A 176 -4.10 -3.00 15.95
CA ARG A 176 -3.18 -3.30 14.85
C ARG A 176 -3.84 -2.70 13.58
N ASP A 177 -3.14 -1.88 12.81
CA ASP A 177 -3.82 -1.15 11.68
C ASP A 177 -2.80 -0.46 10.77
N SER A 178 -3.21 -0.31 9.53
CA SER A 178 -2.54 0.69 8.69
C SER A 178 -2.88 2.09 9.15
N CYS A 179 -2.01 3.01 8.82
CA CYS A 179 -2.26 4.43 9.13
CA CYS A 179 -2.07 4.32 9.28
C CYS A 179 -1.56 5.33 8.21
N LYS A 180 -1.46 6.58 8.50
CA LYS A 180 -0.86 7.61 7.67
C LYS A 180 0.50 7.18 7.25
N GLY A 181 0.74 7.32 5.93
CA GLY A 181 2.02 6.89 5.34
C GLY A 181 2.11 5.46 4.94
N ASP A 182 1.11 4.65 5.33
CA ASP A 182 1.05 3.25 4.85
C ASP A 182 0.21 3.17 3.53
N SER A 183 -0.53 4.23 3.24
CA SER A 183 -1.28 4.38 1.95
C SER A 183 -0.42 3.92 0.83
N GLY A 184 -1.03 3.16 -0.09
CA GLY A 184 -0.30 2.73 -1.29
C GLY A 184 0.42 1.44 -1.14
N GLY A 185 0.62 0.95 0.14
CA GLY A 185 1.34 -0.27 0.37
C GLY A 185 0.49 -1.50 0.24
N PRO A 186 1.15 -2.64 0.29
CA PRO A 186 0.51 -3.90 -0.02
C PRO A 186 -0.20 -4.58 1.12
N LEU A 187 -1.34 -5.17 0.82
CA LEU A 187 -2.01 -6.19 1.68
C LEU A 187 -1.82 -7.50 1.00
N VAL A 188 -1.04 -8.41 1.58
CA VAL A 188 -0.58 -9.63 0.94
C VAL A 188 -1.22 -10.81 1.64
N CYS A 189 -1.89 -11.69 0.91
CA CYS A 189 -2.54 -12.86 1.49
C CYS A 189 -2.10 -14.08 0.69
N GLY A 190 -1.67 -15.12 1.40
CA GLY A 190 -1.31 -16.31 0.64
C GLY A 190 -0.14 -16.11 -0.30
N GLY A 191 0.83 -15.04 -0.02
CA GLY A 191 1.90 -14.74 -0.84
C GLY A 191 1.54 -14.05 -2.15
N VAL A 192 0.31 -13.55 -2.26
CA VAL A 192 -0.09 -12.82 -3.47
C VAL A 192 -0.67 -11.48 -3.03
N LEU A 193 -0.38 -10.45 -3.79
CA LEU A 193 -0.96 -9.19 -3.56
C LEU A 193 -2.47 -9.19 -3.73
N GLU A 194 -3.20 -8.83 -2.68
CA GLU A 194 -4.69 -8.75 -2.72
C GLU A 194 -5.18 -7.36 -2.71
N GLY A 195 -4.57 -6.49 -1.88
CA GLY A 195 -5.07 -5.14 -1.68
C GLY A 195 -4.01 -4.10 -1.66
N VAL A 196 -4.44 -2.86 -1.83
CA VAL A 196 -3.53 -1.71 -1.72
C VAL A 196 -4.17 -0.74 -0.71
N VAL A 197 -3.37 -0.37 0.32
CA VAL A 197 -3.88 0.56 1.34
C VAL A 197 -4.45 1.82 0.71
N THR A 198 -5.64 2.21 1.11
CA THR A 198 -6.27 3.41 0.57
C THR A 198 -5.61 4.72 1.06
N SER A 199 -5.86 5.79 0.32
CA SER A 199 -5.30 7.08 0.56
CA SER A 199 -5.23 7.02 0.71
C SER A 199 -6.04 7.96 1.56
N GLY A 200 -7.33 7.66 1.77
CA GLY A 200 -8.12 8.56 2.48
C GLY A 200 -7.81 8.59 3.90
N SER A 201 -7.85 9.82 4.44
CA SER A 201 -7.58 9.91 5.83
CA SER A 201 -7.62 9.97 5.84
C SER A 201 -8.75 9.24 6.52
N ARG A 202 -8.42 8.57 7.57
CA ARG A 202 -9.39 7.73 8.22
C ARG A 202 -8.81 7.52 9.60
N VAL A 203 -9.70 7.31 10.53
CA VAL A 203 -9.07 7.04 11.86
C VAL A 203 -8.38 5.66 11.96
N CYS A 204 -7.29 5.65 12.72
CA CYS A 204 -6.34 4.52 12.84
CA CYS A 204 -6.24 4.68 12.91
C CYS A 204 -6.46 3.81 14.11
N GLY A 205 -6.63 2.46 14.05
CA GLY A 205 -6.59 1.57 15.13
C GLY A 205 -7.90 1.36 16.02
N ASN A 206 -8.97 1.92 15.55
CA ASN A 206 -10.20 1.85 16.15
C ASN A 206 -10.84 0.60 15.56
N ARG A 207 -11.13 -0.38 16.40
CA ARG A 207 -11.77 -1.60 15.86
C ARG A 207 -13.10 -1.34 15.14
N LYS A 208 -13.80 -0.29 15.56
CA LYS A 208 -15.03 0.09 14.88
C LYS A 208 -14.93 0.74 13.54
N LYS A 209 -13.70 1.06 13.14
CA LYS A 209 -13.46 1.69 11.86
C LYS A 209 -12.39 0.94 11.07
N PRO A 210 -12.79 -0.17 10.41
CA PRO A 210 -11.80 -1.11 9.83
C PRO A 210 -10.89 -0.45 8.75
N GLY A 211 -9.78 -1.07 8.54
CA GLY A 211 -8.95 -0.65 7.43
C GLY A 211 -9.58 -0.98 6.11
N ILE A 212 -9.30 -0.12 5.16
CA ILE A 212 -9.85 -0.22 3.79
C ILE A 212 -8.73 -0.35 2.80
N TYR A 213 -8.87 -1.31 1.88
CA TYR A 213 -7.86 -1.67 0.91
C TYR A 213 -8.52 -1.89 -0.41
N THR A 214 -7.90 -1.36 -1.49
CA THR A 214 -8.47 -1.53 -2.85
C THR A 214 -8.12 -2.90 -3.37
N ARG A 215 -9.09 -3.64 -3.91
CA ARG A 215 -8.84 -4.99 -4.41
C ARG A 215 -8.18 -4.90 -5.76
N VAL A 216 -6.97 -5.42 -5.90
CA VAL A 216 -6.25 -5.34 -7.14
C VAL A 216 -6.97 -6.18 -8.22
N ALA A 217 -7.55 -7.30 -7.87
CA ALA A 217 -8.22 -8.11 -8.91
C ALA A 217 -9.29 -7.35 -9.64
N SER A 218 -9.94 -6.47 -8.92
CA SER A 218 -11.03 -5.66 -9.48
C SER A 218 -10.54 -4.66 -10.57
N TYR A 219 -9.24 -4.46 -10.62
CA TYR A 219 -8.63 -3.50 -11.55
C TYR A 219 -7.63 -4.18 -12.42
N ALA A 220 -7.75 -5.51 -12.61
CA ALA A 220 -6.76 -6.25 -13.44
C ALA A 220 -6.59 -5.69 -14.83
N ALA A 221 -7.69 -5.39 -15.50
CA ALA A 221 -7.60 -4.84 -16.88
C ALA A 221 -6.93 -3.52 -16.92
N TRP A 222 -7.18 -2.65 -15.96
CA TRP A 222 -6.52 -1.36 -15.94
C TRP A 222 -5.01 -1.53 -15.76
N ILE A 223 -4.68 -2.34 -14.75
CA ILE A 223 -3.24 -2.59 -14.44
C ILE A 223 -2.58 -3.14 -15.73
N ASP A 224 -3.17 -4.16 -16.33
CA ASP A 224 -2.57 -4.76 -17.57
C ASP A 224 -2.43 -3.72 -18.63
N SER A 225 -3.41 -2.86 -18.83
CA SER A 225 -3.31 -1.92 -19.90
C SER A 225 -2.15 -0.94 -19.70
N VAL A 226 -2.05 -0.40 -18.49
CA VAL A 226 -1.01 0.55 -18.19
C VAL A 226 0.42 -0.13 -18.31
N LEU A 227 0.51 -1.32 -17.71
CA LEU A 227 1.77 -2.05 -17.69
C LEU A 227 2.29 -2.29 -19.09
N ALA A 228 1.38 -2.48 -20.08
CA ALA A 228 1.73 -2.80 -21.43
C ALA A 228 1.91 -1.46 -22.16
#